data_5DLY
#
_entry.id   5DLY
#
_cell.length_a   39.700
_cell.length_b   71.370
_cell.length_c   48.790
_cell.angle_alpha   90.00
_cell.angle_beta   107.49
_cell.angle_gamma   90.00
#
_symmetry.space_group_name_H-M   'P 1 21 1'
#
loop_
_entity.id
_entity.type
_entity.pdbx_description
1 polymer 'plantazolicin methyltransferase BamL'
2 non-polymer 'prop-2-en-1-yl 2-[(1S)-1-amino-4-carbamimidamidobutyl]-1,3-thiazole-4-carboxylate'
3 non-polymer S-ADENOSYL-L-HOMOCYSTEINE
4 water water
#
_entity_poly.entity_id   1
_entity_poly.type   'polypeptide(L)'
_entity_poly.pdbx_seq_one_letter_code
;EIETIVRESEANRIQAQTWFSHPEKSKVSFRYDERETSSIRSISIETFLSFYSSKFNREPYSVLDIGCGQGQVIQYLNSR
FQKIELTGIDSSAQAISSAKKLGINASFICSNAENIMQYVSKKQDIIFIHLCFGLFKNPIAIVNTLIHLLSDQSCIYIVD
LDRNSLGEGLNTAQSREEEAYLKDQYRASLTMEEFKQLLHVVTKEQHGVSFHVGNSFIGGFDETSSQFFSLMRNRNLQDA
LRTSVGEQLKQSQMPALLHGWIIKNK
;
_entity_poly.pdbx_strand_id   A
#
# COMPACT_ATOMS: atom_id res chain seq x y z
N GLU A 1 2.95 24.25 3.70
CA GLU A 1 1.77 23.72 2.97
C GLU A 1 2.11 22.41 2.28
N ILE A 2 1.39 21.37 2.65
CA ILE A 2 1.59 20.05 2.07
C ILE A 2 1.14 20.02 0.60
N GLU A 3 0.14 20.83 0.26
CA GLU A 3 -0.32 20.94 -1.13
C GLU A 3 0.82 21.34 -2.06
N THR A 4 1.57 22.39 -1.70
CA THR A 4 2.67 22.86 -2.53
C THR A 4 3.84 21.87 -2.60
N ILE A 5 4.17 21.23 -1.48
CA ILE A 5 5.19 20.17 -1.47
C ILE A 5 4.79 19.07 -2.46
N VAL A 6 3.52 18.68 -2.41
CA VAL A 6 2.99 17.68 -3.34
C VAL A 6 3.03 18.16 -4.79
N ARG A 7 2.64 19.41 -5.05
CA ARG A 7 2.67 19.94 -6.41
C ARG A 7 4.09 20.05 -6.96
N GLU A 8 5.04 20.40 -6.10
CA GLU A 8 6.41 20.63 -6.54
C GLU A 8 7.19 19.34 -6.78
N SER A 9 6.69 18.24 -6.22
CA SER A 9 7.26 16.90 -6.45
C SER A 9 6.49 16.12 -7.51
N GLU A 10 5.51 16.75 -8.15
CA GLU A 10 4.69 16.09 -9.16
C GLU A 10 5.50 15.51 -10.32
N ALA A 11 6.46 16.28 -10.84
CA ALA A 11 7.30 15.81 -11.94
C ALA A 11 8.07 14.55 -11.58
N ASN A 12 8.54 14.46 -10.34
CA ASN A 12 9.22 13.26 -9.87
C ASN A 12 8.29 12.05 -9.90
N ARG A 13 7.04 12.25 -9.50
CA ARG A 13 6.06 11.17 -9.46
C ARG A 13 5.68 10.72 -10.86
N ILE A 14 5.57 11.68 -11.78
CA ILE A 14 5.33 11.34 -13.20
C ILE A 14 6.45 10.46 -13.75
N GLN A 15 7.70 10.83 -13.42
CA GLN A 15 8.88 10.07 -13.84
C GLN A 15 8.90 8.65 -13.24
N ALA A 16 8.56 8.54 -11.95
CA ALA A 16 8.51 7.22 -11.29
C ALA A 16 7.50 6.32 -11.99
N GLN A 17 6.37 6.90 -12.40
CA GLN A 17 5.29 6.16 -13.02
C GLN A 17 5.64 5.66 -14.44
N THR A 18 6.63 6.27 -15.10
CA THR A 18 7.09 5.73 -16.39
C THR A 18 7.55 4.27 -16.30
N TRP A 19 8.00 3.86 -15.12
CA TRP A 19 8.44 2.47 -14.91
C TRP A 19 7.29 1.44 -14.89
N PHE A 20 6.05 1.92 -14.96
CA PHE A 20 4.89 1.06 -14.97
C PHE A 20 4.02 1.23 -16.22
N SER A 21 4.39 2.20 -17.05
CA SER A 21 3.61 2.53 -18.25
C SER A 21 4.38 2.38 -19.57
N HIS A 22 5.69 2.14 -19.47
CA HIS A 22 6.53 1.92 -20.65
C HIS A 22 6.89 0.44 -20.78
N PRO A 23 6.79 -0.11 -22.01
CA PRO A 23 6.91 -1.55 -22.21
C PRO A 23 8.22 -2.15 -21.68
N GLU A 24 9.34 -1.52 -22.03
CA GLU A 24 10.66 -2.00 -21.63
C GLU A 24 10.92 -1.78 -20.13
N LYS A 25 10.58 -0.59 -19.64
CA LYS A 25 10.74 -0.25 -18.22
C LYS A 25 9.92 -1.16 -17.31
N SER A 26 8.71 -1.51 -17.75
CA SER A 26 7.82 -2.37 -16.98
C SER A 26 8.40 -3.77 -16.73
N LYS A 27 9.22 -4.25 -17.66
CA LYS A 27 9.92 -5.51 -17.46
C LYS A 27 10.91 -5.43 -16.29
N VAL A 28 11.58 -4.28 -16.17
CA VAL A 28 12.57 -4.06 -15.10
C VAL A 28 11.87 -3.96 -13.74
N SER A 29 10.83 -3.13 -13.67
CA SER A 29 10.10 -2.95 -12.42
C SER A 29 9.41 -4.24 -11.94
N PHE A 30 8.80 -5.00 -12.85
CA PHE A 30 8.16 -6.27 -12.48
C PHE A 30 9.18 -7.25 -11.88
N ARG A 31 10.31 -7.43 -12.57
CA ARG A 31 11.36 -8.33 -12.10
C ARG A 31 11.86 -7.95 -10.71
N TYR A 32 12.19 -6.67 -10.52
CA TYR A 32 12.65 -6.20 -9.22
C TYR A 32 11.57 -6.43 -8.16
N ASP A 33 10.34 -5.99 -8.46
CA ASP A 33 9.26 -6.00 -7.48
C ASP A 33 8.92 -7.42 -7.02
N GLU A 34 8.88 -8.35 -7.97
CA GLU A 34 8.62 -9.75 -7.64
C GLU A 34 9.72 -10.36 -6.77
N ARG A 35 10.97 -10.04 -7.07
CA ARG A 35 12.12 -10.59 -6.35
C ARG A 35 12.27 -10.00 -4.96
N GLU A 36 12.05 -8.69 -4.83
CA GLU A 36 12.42 -7.98 -3.62
C GLU A 36 11.26 -7.57 -2.73
N THR A 37 10.04 -7.49 -3.29
CA THR A 37 8.89 -7.00 -2.51
C THR A 37 7.80 -8.04 -2.26
N SER A 38 7.89 -9.21 -2.89
CA SER A 38 6.80 -10.19 -2.76
C SER A 38 6.61 -10.68 -1.33
N SER A 39 7.69 -10.88 -0.57
CA SER A 39 7.55 -11.46 0.77
C SER A 39 6.92 -10.50 1.77
N ILE A 40 7.05 -9.19 1.54
CA ILE A 40 6.43 -8.19 2.42
C ILE A 40 4.91 -8.11 2.18
N ARG A 41 4.46 -8.56 1.00
CA ARG A 41 3.04 -8.52 0.67
C ARG A 41 2.17 -9.19 1.75
N SER A 42 2.47 -10.44 2.09
CA SER A 42 1.68 -11.15 3.09
C SER A 42 1.79 -10.50 4.47
N ILE A 43 2.96 -9.96 4.78
CA ILE A 43 3.12 -9.26 6.07
C ILE A 43 2.23 -8.02 6.15
N SER A 44 2.23 -7.21 5.09
CA SER A 44 1.37 -6.03 5.06
C SER A 44 -0.11 -6.39 5.12
N ILE A 45 -0.51 -7.44 4.39
CA ILE A 45 -1.91 -7.88 4.39
C ILE A 45 -2.32 -8.39 5.77
N GLU A 46 -1.51 -9.26 6.37
CA GLU A 46 -1.85 -9.78 7.68
C GLU A 46 -1.84 -8.71 8.75
N THR A 47 -1.06 -7.64 8.52
CA THR A 47 -1.03 -6.51 9.44
C THR A 47 -2.40 -5.83 9.41
N PHE A 48 -2.95 -5.55 8.23
CA PHE A 48 -4.25 -4.90 8.23
C PHE A 48 -5.39 -5.81 8.71
N LEU A 49 -5.28 -7.11 8.42
CA LEU A 49 -6.27 -8.06 8.93
C LEU A 49 -6.22 -8.19 10.45
N SER A 50 -5.02 -8.21 11.00
CA SER A 50 -4.88 -8.28 12.45
C SER A 50 -5.40 -7.01 13.10
N PHE A 51 -5.09 -5.87 12.50
CA PHE A 51 -5.56 -4.58 12.99
C PHE A 51 -7.09 -4.56 13.02
N TYR A 52 -7.71 -4.98 11.91
CA TYR A 52 -9.15 -4.88 11.77
C TYR A 52 -9.89 -5.72 12.82
N SER A 53 -9.46 -6.97 12.98
CA SER A 53 -10.03 -7.89 13.96
C SER A 53 -9.84 -7.41 15.40
N SER A 54 -8.66 -6.87 15.69
CA SER A 54 -8.35 -6.35 17.02
C SER A 54 -9.24 -5.14 17.35
N LYS A 55 -9.32 -4.20 16.40
CA LYS A 55 -10.07 -2.96 16.59
C LYS A 55 -11.58 -3.18 16.57
N PHE A 56 -12.08 -3.98 15.62
CA PHE A 56 -13.52 -4.03 15.37
C PHE A 56 -14.22 -5.35 15.72
N ASN A 57 -13.45 -6.36 16.13
CA ASN A 57 -13.98 -7.65 16.61
C ASN A 57 -14.83 -8.45 15.61
N ARG A 58 -14.58 -8.20 14.33
CA ARG A 58 -15.09 -9.03 13.25
C ARG A 58 -14.11 -8.97 12.10
N GLU A 59 -14.25 -9.88 11.14
CA GLU A 59 -13.48 -9.83 9.91
C GLU A 59 -14.08 -8.77 9.00
N PRO A 60 -13.23 -8.15 8.14
CA PRO A 60 -13.79 -7.18 7.19
C PRO A 60 -14.70 -7.86 6.17
N TYR A 61 -15.69 -7.11 5.66
CA TYR A 61 -16.59 -7.62 4.63
C TYR A 61 -16.08 -7.31 3.23
N SER A 62 -15.13 -6.37 3.14
CA SER A 62 -14.70 -5.84 1.85
C SER A 62 -13.29 -5.29 1.95
N VAL A 63 -12.51 -5.53 0.90
CA VAL A 63 -11.18 -4.94 0.72
C VAL A 63 -11.10 -4.36 -0.68
N LEU A 64 -10.72 -3.07 -0.74
CA LEU A 64 -10.44 -2.38 -1.98
C LEU A 64 -8.93 -2.17 -2.11
N ASP A 65 -8.35 -2.72 -3.17
CA ASP A 65 -6.90 -2.67 -3.37
C ASP A 65 -6.54 -1.65 -4.44
N ILE A 66 -5.81 -0.61 -4.03
CA ILE A 66 -5.49 0.52 -4.92
C ILE A 66 -4.12 0.30 -5.58
N GLY A 67 -4.07 0.34 -6.91
CA GLY A 67 -2.84 0.01 -7.62
C GLY A 67 -2.56 -1.47 -7.50
N CYS A 68 -3.55 -2.28 -7.86
CA CYS A 68 -3.57 -3.71 -7.56
C CYS A 68 -2.62 -4.56 -8.41
N GLY A 69 -1.97 -3.96 -9.40
CA GLY A 69 -1.05 -4.70 -10.27
C GLY A 69 -1.76 -5.89 -10.91
N GLN A 70 -1.07 -7.01 -10.94
CA GLN A 70 -1.53 -8.24 -11.60
C GLN A 70 -2.44 -9.07 -10.69
N GLY A 71 -2.90 -8.46 -9.60
CA GLY A 71 -3.87 -9.08 -8.68
C GLY A 71 -3.35 -9.99 -7.58
N GLN A 72 -2.04 -9.96 -7.33
CA GLN A 72 -1.41 -10.85 -6.34
C GLN A 72 -2.00 -10.69 -4.94
N VAL A 73 -2.24 -9.44 -4.52
CA VAL A 73 -2.82 -9.20 -3.20
C VAL A 73 -4.23 -9.76 -3.12
N ILE A 74 -5.01 -9.55 -4.16
CA ILE A 74 -6.36 -10.08 -4.21
C ILE A 74 -6.34 -11.61 -4.25
N GLN A 75 -5.39 -12.19 -4.96
CA GLN A 75 -5.24 -13.64 -4.94
C GLN A 75 -4.98 -14.17 -3.52
N TYR A 76 -4.08 -13.51 -2.79
CA TYR A 76 -3.77 -13.86 -1.41
C TYR A 76 -5.02 -13.84 -0.55
N LEU A 77 -5.81 -12.77 -0.67
CA LEU A 77 -7.04 -12.60 0.09
C LEU A 77 -8.08 -13.65 -0.26
N ASN A 78 -8.17 -13.98 -1.55
CA ASN A 78 -9.06 -15.02 -2.06
C ASN A 78 -8.76 -16.40 -1.46
N SER A 79 -7.50 -16.65 -1.15
CA SER A 79 -7.07 -17.91 -0.53
C SER A 79 -7.31 -17.96 0.97
N ARG A 80 -7.48 -16.78 1.58
CA ARG A 80 -7.70 -16.68 3.02
C ARG A 80 -9.17 -16.57 3.38
N PHE A 81 -9.93 -15.91 2.49
CA PHE A 81 -11.36 -15.68 2.69
C PHE A 81 -12.13 -16.02 1.43
N GLN A 82 -13.32 -16.58 1.62
CA GLN A 82 -14.22 -16.83 0.51
C GLN A 82 -15.31 -15.76 0.44
N LYS A 83 -15.78 -15.31 1.59
CA LYS A 83 -16.90 -14.36 1.62
C LYS A 83 -16.43 -12.94 1.94
N ILE A 84 -15.45 -12.48 1.17
CA ILE A 84 -15.00 -11.10 1.22
C ILE A 84 -15.25 -10.50 -0.17
N GLU A 85 -15.78 -9.28 -0.21
CA GLU A 85 -15.95 -8.59 -1.47
C GLU A 85 -14.62 -7.94 -1.82
N LEU A 86 -14.00 -8.41 -2.91
CA LEU A 86 -12.68 -7.95 -3.33
C LEU A 86 -12.76 -7.08 -4.57
N THR A 87 -12.11 -5.93 -4.51
CA THR A 87 -12.06 -5.01 -5.65
C THR A 87 -10.63 -4.51 -5.83
N GLY A 88 -10.16 -4.45 -7.06
CA GLY A 88 -8.84 -3.90 -7.35
C GLY A 88 -8.90 -2.91 -8.51
N ILE A 89 -8.09 -1.87 -8.42
CA ILE A 89 -8.04 -0.85 -9.47
C ILE A 89 -6.59 -0.53 -9.81
N ASP A 90 -6.30 -0.42 -11.11
CA ASP A 90 -4.96 -0.12 -11.57
C ASP A 90 -5.07 0.55 -12.91
N SER A 91 -4.21 1.53 -13.18
CA SER A 91 -4.26 2.26 -14.46
C SER A 91 -3.55 1.55 -15.61
N SER A 92 -2.92 0.42 -15.33
CA SER A 92 -2.27 -0.39 -16.37
C SER A 92 -3.21 -1.44 -16.94
N ALA A 93 -3.50 -1.33 -18.24
CA ALA A 93 -4.33 -2.32 -18.94
C ALA A 93 -3.72 -3.73 -18.90
N GLN A 94 -2.40 -3.81 -19.06
CA GLN A 94 -1.70 -5.09 -19.03
C GLN A 94 -1.83 -5.75 -17.66
N ALA A 95 -1.72 -4.94 -16.61
CA ALA A 95 -1.85 -5.47 -15.25
C ALA A 95 -3.25 -6.00 -15.01
N ILE A 96 -4.25 -5.24 -15.43
CA ILE A 96 -5.66 -5.62 -15.20
C ILE A 96 -6.07 -6.84 -16.03
N SER A 97 -5.60 -6.92 -17.28
CA SER A 97 -5.85 -8.11 -18.09
C SER A 97 -5.26 -9.38 -17.42
N SER A 98 -4.05 -9.26 -16.87
CA SER A 98 -3.43 -10.35 -16.11
C SER A 98 -4.24 -10.74 -14.87
N ALA A 99 -4.66 -9.76 -14.09
CA ALA A 99 -5.50 -9.99 -12.91
C ALA A 99 -6.81 -10.69 -13.25
N LYS A 100 -7.45 -10.27 -14.34
CA LYS A 100 -8.72 -10.85 -14.77
C LYS A 100 -8.54 -12.31 -15.18
N LYS A 101 -7.39 -12.63 -15.77
CA LYS A 101 -7.13 -14.00 -16.23
C LYS A 101 -6.99 -14.99 -15.07
N LEU A 102 -6.76 -14.49 -13.85
CA LEU A 102 -6.71 -15.36 -12.67
C LEU A 102 -8.03 -16.11 -12.41
N GLY A 103 -9.13 -15.55 -12.89
CA GLY A 103 -10.46 -16.16 -12.74
C GLY A 103 -10.91 -16.23 -11.29
N ILE A 104 -10.59 -15.19 -10.53
CA ILE A 104 -10.97 -15.07 -9.12
C ILE A 104 -12.30 -14.31 -9.00
N ASN A 105 -13.07 -14.65 -7.98
CA ASN A 105 -14.27 -13.90 -7.65
C ASN A 105 -13.88 -12.53 -7.06
N ALA A 106 -13.62 -11.58 -7.96
CA ALA A 106 -13.21 -10.21 -7.63
C ALA A 106 -13.49 -9.31 -8.81
N SER A 107 -13.64 -8.01 -8.55
CA SER A 107 -13.84 -7.00 -9.58
C SER A 107 -12.55 -6.24 -9.84
N PHE A 108 -12.13 -6.19 -11.11
CA PHE A 108 -10.93 -5.47 -11.50
C PHE A 108 -11.26 -4.33 -12.45
N ILE A 109 -10.75 -3.14 -12.13
CA ILE A 109 -11.07 -1.92 -12.86
C ILE A 109 -9.79 -1.34 -13.44
N CYS A 110 -9.82 -0.96 -14.72
CA CYS A 110 -8.68 -0.28 -15.33
C CYS A 110 -8.95 1.21 -15.47
N SER A 111 -8.43 1.98 -14.51
CA SER A 111 -8.68 3.41 -14.46
C SER A 111 -7.72 4.02 -13.46
N ASN A 112 -7.48 5.33 -13.59
CA ASN A 112 -6.82 6.10 -12.55
C ASN A 112 -7.63 5.92 -11.26
N ALA A 113 -6.94 5.65 -10.15
CA ALA A 113 -7.61 5.49 -8.85
C ALA A 113 -8.42 6.73 -8.47
N GLU A 114 -8.07 7.88 -9.04
CA GLU A 114 -8.87 9.10 -8.87
C GLU A 114 -10.34 8.90 -9.21
N ASN A 115 -10.61 7.96 -10.10
CA ASN A 115 -11.96 7.72 -10.61
C ASN A 115 -12.74 6.64 -9.87
N ILE A 116 -12.23 6.20 -8.73
CA ILE A 116 -12.78 5.05 -8.01
C ILE A 116 -14.28 5.09 -7.70
N MET A 117 -14.81 6.28 -7.40
CA MET A 117 -16.23 6.37 -6.99
C MET A 117 -17.21 6.15 -8.14
N GLN A 118 -16.71 6.07 -9.37
CA GLN A 118 -17.50 5.63 -10.52
C GLN A 118 -17.70 4.11 -10.55
N TYR A 119 -16.94 3.39 -9.73
CA TYR A 119 -16.87 1.92 -9.83
C TYR A 119 -17.23 1.21 -8.53
N VAL A 120 -17.19 1.96 -7.43
CA VAL A 120 -17.47 1.44 -6.10
C VAL A 120 -18.37 2.42 -5.37
N SER A 121 -19.54 1.94 -4.97
CA SER A 121 -20.50 2.76 -4.23
C SER A 121 -20.68 2.28 -2.80
N LYS A 122 -20.65 0.96 -2.59
CA LYS A 122 -20.72 0.40 -1.24
C LYS A 122 -19.47 0.80 -0.47
N LYS A 123 -19.65 1.25 0.76
CA LYS A 123 -18.51 1.63 1.59
C LYS A 123 -17.63 0.42 1.88
N GLN A 124 -16.34 0.68 2.04
CA GLN A 124 -15.32 -0.36 2.16
C GLN A 124 -14.77 -0.43 3.58
N ASP A 125 -14.54 -1.64 4.06
CA ASP A 125 -13.99 -1.85 5.39
C ASP A 125 -12.48 -1.63 5.43
N ILE A 126 -11.80 -2.06 4.36
CA ILE A 126 -10.36 -1.84 4.22
C ILE A 126 -10.05 -1.33 2.82
N ILE A 127 -9.26 -0.27 2.77
CA ILE A 127 -8.70 0.24 1.53
C ILE A 127 -7.18 0.13 1.68
N PHE A 128 -6.55 -0.56 0.73
CA PHE A 128 -5.12 -0.89 0.82
C PHE A 128 -4.36 -0.16 -0.29
N ILE A 129 -3.30 0.54 0.08
CA ILE A 129 -2.47 1.23 -0.91
C ILE A 129 -1.02 0.77 -0.66
N HIS A 130 -0.63 -0.30 -1.33
CA HIS A 130 0.64 -0.96 -1.03
C HIS A 130 1.69 -0.66 -2.08
N LEU A 131 2.77 -0.03 -1.63
CA LEU A 131 3.95 0.24 -2.46
C LEU A 131 3.63 0.97 -3.77
N CYS A 132 2.74 1.96 -3.72
CA CYS A 132 2.40 2.72 -4.94
C CYS A 132 2.02 4.18 -4.74
N PHE A 133 1.90 4.63 -3.50
CA PHE A 133 1.42 6.00 -3.20
C PHE A 133 2.21 7.08 -3.96
N GLY A 134 3.54 6.97 -3.96
CA GLY A 134 4.42 7.91 -4.65
C GLY A 134 4.32 7.95 -6.17
N LEU A 135 3.52 7.06 -6.75
CA LEU A 135 3.31 7.06 -8.21
C LEU A 135 2.16 7.96 -8.63
N PHE A 136 1.29 8.31 -7.70
CA PHE A 136 0.06 9.04 -8.05
C PHE A 136 0.37 10.50 -8.37
N LYS A 137 -0.16 11.01 -9.49
CA LYS A 137 -0.04 12.43 -9.79
C LYS A 137 -0.67 13.32 -8.70
N ASN A 138 -1.84 12.91 -8.22
CA ASN A 138 -2.62 13.69 -7.28
C ASN A 138 -2.93 12.90 -6.00
N PRO A 139 -1.89 12.63 -5.18
CA PRO A 139 -2.09 11.79 -4.00
C PRO A 139 -3.09 12.32 -2.97
N ILE A 140 -3.11 13.64 -2.75
CA ILE A 140 -4.05 14.21 -1.77
C ILE A 140 -5.50 14.05 -2.25
N ALA A 141 -5.75 14.32 -3.53
CA ALA A 141 -7.07 14.13 -4.12
C ALA A 141 -7.53 12.68 -4.00
N ILE A 142 -6.61 11.75 -4.25
CA ILE A 142 -7.00 10.33 -4.17
C ILE A 142 -7.36 9.97 -2.74
N VAL A 143 -6.56 10.38 -1.78
CA VAL A 143 -6.87 10.09 -0.38
C VAL A 143 -8.20 10.71 0.08
N ASN A 144 -8.45 11.98 -0.26
CA ASN A 144 -9.73 12.62 0.07
C ASN A 144 -10.90 11.81 -0.49
N THR A 145 -10.78 11.38 -1.74
CA THR A 145 -11.79 10.54 -2.37
C THR A 145 -11.98 9.21 -1.65
N LEU A 146 -10.88 8.55 -1.31
CA LEU A 146 -10.96 7.27 -0.60
C LEU A 146 -11.61 7.37 0.77
N ILE A 147 -11.39 8.49 1.46
CA ILE A 147 -12.04 8.70 2.73
C ILE A 147 -13.58 8.68 2.61
N HIS A 148 -14.11 9.19 1.49
CA HIS A 148 -15.56 9.12 1.23
C HIS A 148 -16.11 7.71 1.16
N LEU A 149 -15.25 6.76 0.79
CA LEU A 149 -15.64 5.36 0.62
C LEU A 149 -15.46 4.51 1.87
N LEU A 150 -14.93 5.10 2.94
CA LEU A 150 -14.72 4.35 4.19
C LEU A 150 -16.04 4.05 4.90
N SER A 151 -16.19 2.79 5.32
CA SER A 151 -17.34 2.39 6.13
C SER A 151 -17.23 2.97 7.53
N ASP A 152 -18.27 2.78 8.34
CA ASP A 152 -18.26 3.28 9.71
C ASP A 152 -17.19 2.63 10.60
N GLN A 153 -16.73 1.43 10.22
CA GLN A 153 -15.64 0.73 10.90
C GLN A 153 -14.63 0.31 9.86
N SER A 154 -13.56 1.09 9.70
CA SER A 154 -12.70 0.91 8.53
C SER A 154 -11.32 1.52 8.69
N CYS A 155 -10.43 1.15 7.77
CA CYS A 155 -9.14 1.82 7.68
C CYS A 155 -8.61 1.82 6.26
N ILE A 156 -7.86 2.88 5.94
CA ILE A 156 -6.92 2.87 4.81
C ILE A 156 -5.57 2.53 5.39
N TYR A 157 -4.88 1.55 4.81
CA TYR A 157 -3.51 1.23 5.20
C TYR A 157 -2.59 1.46 4.01
N ILE A 158 -1.58 2.31 4.22
CA ILE A 158 -0.66 2.77 3.17
C ILE A 158 0.74 2.36 3.56
N VAL A 159 1.45 1.66 2.67
CA VAL A 159 2.85 1.30 2.90
C VAL A 159 3.61 1.80 1.68
N ASP A 160 4.66 2.57 1.89
CA ASP A 160 5.44 3.08 0.77
C ASP A 160 6.89 3.35 1.13
N LEU A 161 7.69 3.61 0.09
CA LEU A 161 9.08 4.01 0.26
C LEU A 161 9.20 5.34 0.99
N ASP A 162 10.27 5.48 1.78
CA ASP A 162 10.65 6.74 2.39
C ASP A 162 11.78 7.32 1.56
N ARG A 163 11.63 8.57 1.11
CA ARG A 163 12.64 9.22 0.26
C ARG A 163 14.03 9.23 0.93
N ASN A 164 14.06 9.32 2.26
CA ASN A 164 15.32 9.38 3.00
C ASN A 164 16.07 8.04 2.99
N SER A 165 15.42 6.99 2.49
CA SER A 165 16.01 5.65 2.43
C SER A 165 16.71 5.30 1.11
N LEU A 166 16.83 6.28 0.20
CA LEU A 166 17.39 6.06 -1.14
C LEU A 166 18.73 5.32 -1.10
N GLY A 167 19.66 5.84 -0.30
CA GLY A 167 21.02 5.30 -0.20
C GLY A 167 21.04 3.82 0.08
N GLU A 168 20.32 3.41 1.12
CA GLU A 168 20.22 2.01 1.51
C GLU A 168 19.36 1.23 0.52
N GLY A 169 18.38 1.91 -0.06
CA GLY A 169 17.46 1.29 -1.01
C GLY A 169 18.12 0.80 -2.28
N LEU A 170 19.25 1.38 -2.63
CA LEU A 170 19.98 0.99 -3.84
C LEU A 170 20.72 -0.34 -3.73
N ASN A 171 20.91 -0.83 -2.49
CA ASN A 171 21.69 -2.04 -2.22
C ASN A 171 21.17 -3.29 -2.92
N THR A 172 19.86 -3.34 -3.16
CA THR A 172 19.22 -4.52 -3.75
C THR A 172 19.13 -4.49 -5.28
N ALA A 173 19.56 -3.39 -5.89
CA ALA A 173 19.63 -3.30 -7.34
C ALA A 173 20.72 -4.24 -7.83
N GLN A 174 20.46 -4.95 -8.92
CA GLN A 174 21.40 -5.95 -9.46
C GLN A 174 21.85 -5.58 -10.86
N SER A 175 21.35 -4.46 -11.38
CA SER A 175 21.70 -3.97 -12.70
C SER A 175 21.60 -2.45 -12.76
N ARG A 176 22.19 -1.86 -13.80
CA ARG A 176 22.12 -0.41 -13.98
C ARG A 176 20.67 0.04 -14.19
N GLU A 177 19.87 -0.79 -14.86
CA GLU A 177 18.44 -0.49 -15.06
C GLU A 177 17.68 -0.48 -13.74
N GLU A 178 17.90 -1.49 -12.90
CA GLU A 178 17.30 -1.50 -11.55
C GLU A 178 17.75 -0.33 -10.68
N GLU A 179 19.02 0.04 -10.79
CA GLU A 179 19.53 1.22 -10.08
C GLU A 179 18.78 2.50 -10.51
N ALA A 180 18.63 2.69 -11.82
CA ALA A 180 17.90 3.82 -12.39
C ALA A 180 16.44 3.82 -11.92
N TYR A 181 15.83 2.64 -11.97
CA TYR A 181 14.46 2.42 -11.48
C TYR A 181 14.32 2.87 -10.03
N LEU A 182 15.17 2.35 -9.15
CA LEU A 182 15.07 2.66 -7.72
C LEU A 182 15.32 4.14 -7.42
N LYS A 183 16.31 4.74 -8.09
CA LYS A 183 16.56 6.17 -7.92
C LYS A 183 15.30 6.98 -8.22
N ASP A 184 14.67 6.70 -9.38
CA ASP A 184 13.42 7.36 -9.73
C ASP A 184 12.30 7.09 -8.71
N GLN A 185 12.20 5.85 -8.22
CA GLN A 185 11.17 5.52 -7.24
C GLN A 185 11.35 6.28 -5.92
N TYR A 186 12.57 6.27 -5.39
CA TYR A 186 12.85 6.99 -4.14
C TYR A 186 12.71 8.50 -4.25
N ARG A 187 13.13 9.06 -5.39
CA ARG A 187 13.02 10.51 -5.62
C ARG A 187 11.56 10.97 -5.63
N ALA A 188 10.65 10.09 -6.05
CA ALA A 188 9.22 10.41 -6.08
C ALA A 188 8.56 10.25 -4.72
N SER A 189 9.26 9.65 -3.77
CA SER A 189 8.66 9.29 -2.48
C SER A 189 8.55 10.47 -1.51
N LEU A 190 7.69 10.32 -0.50
CA LEU A 190 7.61 11.28 0.58
C LEU A 190 8.59 10.89 1.67
N THR A 191 8.91 11.85 2.53
CA THR A 191 9.60 11.57 3.78
C THR A 191 8.56 11.31 4.86
N MET A 192 9.00 10.74 5.98
CA MET A 192 8.14 10.55 7.13
C MET A 192 7.44 11.84 7.54
N GLU A 193 8.20 12.93 7.63
CA GLU A 193 7.69 14.24 7.98
C GLU A 193 6.56 14.69 7.03
N GLU A 194 6.79 14.56 5.72
CA GLU A 194 5.81 14.98 4.72
C GLU A 194 4.55 14.12 4.77
N PHE A 195 4.75 12.82 4.96
CA PHE A 195 3.66 11.86 5.03
C PHE A 195 2.77 12.13 6.24
N LYS A 196 3.39 12.41 7.38
CA LYS A 196 2.66 12.77 8.61
C LYS A 196 1.80 14.01 8.40
N GLN A 197 2.39 15.03 7.76
CA GLN A 197 1.65 16.26 7.46
C GLN A 197 0.46 15.99 6.55
N LEU A 198 0.67 15.17 5.53
CA LEU A 198 -0.41 14.81 4.60
C LEU A 198 -1.58 14.12 5.32
N LEU A 199 -1.28 13.12 6.16
CA LEU A 199 -2.33 12.37 6.86
C LEU A 199 -3.03 13.21 7.92
N HIS A 200 -2.31 14.16 8.51
CA HIS A 200 -2.92 15.13 9.40
C HIS A 200 -3.94 15.99 8.66
N VAL A 201 -3.53 16.53 7.52
CA VAL A 201 -4.36 17.46 6.74
C VAL A 201 -5.64 16.81 6.22
N VAL A 202 -5.55 15.57 5.75
CA VAL A 202 -6.71 14.89 5.18
C VAL A 202 -7.66 14.30 6.23
N THR A 203 -7.23 14.25 7.49
CA THR A 203 -8.08 13.70 8.56
C THR A 203 -8.58 14.75 9.56
N LYS A 204 -7.91 15.89 9.66
CA LYS A 204 -8.22 16.85 10.73
C LYS A 204 -9.64 17.44 10.71
N GLU A 205 -10.26 17.48 9.54
CA GLU A 205 -11.63 17.99 9.40
C GLU A 205 -12.69 16.88 9.24
N GLN A 206 -12.26 15.64 9.41
CA GLN A 206 -13.13 14.48 9.22
C GLN A 206 -13.47 13.84 10.55
N HIS A 207 -14.71 14.03 11.01
CA HIS A 207 -15.16 13.54 12.32
C HIS A 207 -15.08 12.02 12.44
N GLY A 208 -14.46 11.55 13.53
CA GLY A 208 -14.34 10.12 13.82
C GLY A 208 -13.26 9.44 12.99
N VAL A 209 -12.45 10.24 12.32
CA VAL A 209 -11.37 9.74 11.46
C VAL A 209 -10.01 10.21 11.98
N SER A 210 -9.15 9.25 12.32
CA SER A 210 -7.84 9.54 12.89
C SER A 210 -6.74 8.99 12.01
N PHE A 211 -5.49 9.28 12.35
CA PHE A 211 -4.36 8.72 11.61
C PHE A 211 -3.24 8.24 12.52
N HIS A 212 -2.39 7.38 11.97
CA HIS A 212 -1.13 7.03 12.61
C HIS A 212 -0.08 6.84 11.54
N VAL A 213 1.14 7.30 11.81
CA VAL A 213 2.27 7.08 10.90
C VAL A 213 3.46 6.60 11.72
N GLY A 214 4.26 5.72 11.11
CA GLY A 214 5.46 5.21 11.77
C GLY A 214 6.32 4.45 10.77
N ASN A 215 7.58 4.29 11.10
CA ASN A 215 8.47 3.54 10.22
C ASN A 215 8.90 2.19 10.77
N SER A 216 8.32 1.81 11.92
CA SER A 216 8.52 0.47 12.49
C SER A 216 7.95 -0.61 11.57
N PHE A 217 8.59 -1.77 11.58
CA PHE A 217 8.31 -2.84 10.63
C PHE A 217 6.86 -3.33 10.62
N ILE A 218 6.27 -3.43 11.81
CA ILE A 218 4.89 -3.93 11.90
C ILE A 218 3.91 -2.76 11.97
N GLY A 219 3.41 -2.36 10.80
CA GLY A 219 2.40 -1.31 10.68
C GLY A 219 2.82 0.06 11.19
N GLY A 220 4.13 0.25 11.38
CA GLY A 220 4.64 1.52 11.91
C GLY A 220 4.35 1.73 13.38
N PHE A 221 3.94 0.67 14.07
CA PHE A 221 3.68 0.73 15.50
C PHE A 221 4.92 0.30 16.26
N ASP A 222 5.34 1.14 17.21
CA ASP A 222 6.53 0.85 18.01
C ASP A 222 6.33 -0.42 18.82
N GLU A 223 7.41 -1.18 19.02
CA GLU A 223 7.34 -2.46 19.72
C GLU A 223 6.82 -2.37 21.16
N THR A 224 6.86 -1.16 21.75
CA THR A 224 6.34 -0.93 23.11
C THR A 224 4.87 -0.45 23.15
N SER A 225 4.28 -0.24 21.98
CA SER A 225 2.91 0.29 21.92
C SER A 225 1.87 -0.81 22.18
N SER A 226 0.71 -0.40 22.70
CA SER A 226 -0.38 -1.34 22.94
C SER A 226 -0.89 -1.93 21.63
N GLN A 227 -0.83 -1.12 20.57
CA GLN A 227 -1.25 -1.55 19.24
C GLN A 227 -0.37 -2.69 18.73
N PHE A 228 0.95 -2.53 18.89
CA PHE A 228 1.90 -3.58 18.49
C PHE A 228 1.61 -4.87 19.26
N PHE A 229 1.44 -4.75 20.57
CA PHE A 229 1.12 -5.91 21.40
C PHE A 229 -0.09 -6.65 20.86
N SER A 230 -1.17 -5.92 20.57
CA SER A 230 -2.39 -6.53 20.06
C SER A 230 -2.18 -7.21 18.71
N LEU A 231 -1.51 -6.51 17.78
CA LEU A 231 -1.24 -7.07 16.45
C LEU A 231 -0.47 -8.39 16.51
N MET A 232 0.57 -8.42 17.34
CA MET A 232 1.47 -9.59 17.41
C MET A 232 0.87 -10.82 18.09
N ARG A 233 -0.28 -10.65 18.74
CA ARG A 233 -1.06 -11.77 19.28
C ARG A 233 -1.72 -12.61 18.19
N ASN A 234 -1.85 -12.04 16.99
CA ASN A 234 -2.58 -12.69 15.90
C ASN A 234 -1.73 -13.76 15.23
N ARG A 235 -2.19 -15.00 15.28
CA ARG A 235 -1.45 -16.15 14.75
C ARG A 235 -1.22 -16.10 13.24
N ASN A 236 -2.14 -15.47 12.50
CA ASN A 236 -1.99 -15.35 11.06
C ASN A 236 -0.83 -14.43 10.69
N LEU A 237 -0.67 -13.35 11.46
CA LEU A 237 0.46 -12.42 11.27
C LEU A 237 1.77 -13.09 11.66
N GLN A 238 1.75 -13.83 12.76
CA GLN A 238 2.89 -14.64 13.17
C GLN A 238 3.33 -15.60 12.07
N ASP A 239 2.36 -16.34 11.51
CA ASP A 239 2.65 -17.31 10.44
C ASP A 239 3.29 -16.66 9.21
N ALA A 240 2.81 -15.46 8.85
CA ALA A 240 3.36 -14.72 7.71
C ALA A 240 4.80 -14.30 7.94
N LEU A 241 5.12 -14.00 9.20
CA LEU A 241 6.48 -13.56 9.56
C LEU A 241 7.44 -14.75 9.61
N ARG A 242 6.88 -15.94 9.81
CA ARG A 242 7.65 -17.18 9.86
C ARG A 242 7.86 -17.69 8.44
N THR A 243 8.75 -17.03 7.71
CA THR A 243 9.01 -17.37 6.32
C THR A 243 10.41 -18.00 6.14
N SER A 244 10.85 -18.12 4.89
CA SER A 244 12.14 -18.74 4.60
C SER A 244 13.29 -17.98 5.23
N VAL A 245 14.40 -18.68 5.42
CA VAL A 245 15.61 -18.08 5.95
C VAL A 245 16.02 -16.83 5.16
N GLY A 246 16.10 -16.97 3.84
CA GLY A 246 16.54 -15.87 2.98
C GLY A 246 15.60 -14.67 2.99
N GLU A 247 14.30 -14.92 3.10
CA GLU A 247 13.34 -13.82 3.12
C GLU A 247 13.35 -13.08 4.46
N GLN A 248 13.55 -13.82 5.55
CA GLN A 248 13.67 -13.17 6.87
C GLN A 248 14.88 -12.24 6.86
N LEU A 249 16.00 -12.69 6.29
CA LEU A 249 17.21 -11.87 6.24
C LEU A 249 17.01 -10.65 5.33
N LYS A 250 16.36 -10.87 4.19
CA LYS A 250 16.02 -9.75 3.28
C LYS A 250 15.21 -8.69 4.01
N GLN A 251 14.23 -9.13 4.79
CA GLN A 251 13.37 -8.23 5.56
C GLN A 251 14.13 -7.48 6.64
N SER A 252 15.14 -8.14 7.21
CA SER A 252 16.01 -7.53 8.20
C SER A 252 16.88 -6.44 7.57
N GLN A 253 17.30 -6.67 6.33
CA GLN A 253 18.25 -5.76 5.66
C GLN A 253 17.57 -4.57 5.00
N MET A 254 16.26 -4.67 4.76
CA MET A 254 15.46 -3.64 4.09
C MET A 254 15.49 -2.32 4.83
N PRO A 255 15.50 -1.19 4.10
CA PRO A 255 15.29 0.09 4.77
C PRO A 255 13.88 0.17 5.34
N ALA A 256 13.70 1.02 6.34
CA ALA A 256 12.39 1.20 6.95
C ALA A 256 11.43 1.84 5.96
N LEU A 257 10.21 1.33 5.91
CA LEU A 257 9.17 1.83 5.02
C LEU A 257 8.29 2.81 5.79
N LEU A 258 7.57 3.66 5.05
CA LEU A 258 6.49 4.44 5.65
C LEU A 258 5.25 3.58 5.82
N HIS A 259 4.64 3.63 7.00
CA HIS A 259 3.38 2.94 7.29
C HIS A 259 2.39 3.98 7.78
N GLY A 260 1.25 4.10 7.10
CA GLY A 260 0.25 5.10 7.45
C GLY A 260 -1.13 4.48 7.54
N TRP A 261 -1.88 4.89 8.55
CA TRP A 261 -3.27 4.45 8.74
C TRP A 261 -4.19 5.64 8.82
N ILE A 262 -5.31 5.54 8.11
CA ILE A 262 -6.44 6.45 8.25
C ILE A 262 -7.59 5.58 8.78
N ILE A 263 -8.00 5.84 10.01
CA ILE A 263 -8.90 4.96 10.75
C ILE A 263 -10.24 5.64 11.01
N LYS A 264 -11.33 5.02 10.57
CA LYS A 264 -12.66 5.54 10.85
C LYS A 264 -13.41 4.63 11.82
N ASN A 265 -13.91 5.24 12.89
CA ASN A 265 -14.71 4.55 13.87
C ASN A 265 -15.87 5.43 14.30
N LYS A 266 -17.02 5.26 13.64
CA LYS A 266 -18.22 6.04 13.92
C LYS A 266 -18.85 5.62 15.25
#